data_3MI2
#
_entry.id   3MI2
#
_cell.length_a   70.485
_cell.length_b   62.109
_cell.length_c   70.499
_cell.angle_alpha   90.00
_cell.angle_beta   111.45
_cell.angle_gamma   90.00
#
_symmetry.space_group_name_H-M   'P 1 21 1'
#
loop_
_entity.id
_entity.type
_entity.pdbx_description
1 polymer "Uridine 5'-monophosphate synthase"
2 non-polymer (1S)-1,4-anhydro-1-(5-carbamoyl-4-hydroxy-1H-pyrazol-3-yl)-5-O-phosphono-D-ribitol
3 water water
#
_entity_poly.entity_id   1
_entity_poly.type   'polypeptide(L)'
_entity_poly.pdbx_seq_one_letter_code
;MGSSHHHHHHSSGLVPRGSHMKELSFGARAELPRIHPVASKLLRLMQKKETNLCLSADVSLARELLQLADALGPSICMLK
THVDILNDFTLDVMKELITLAK(CSD)HEFLIFEDRKFADIGNTVKKQYEGGIFKIASWADLVNAHVVPGSGVVKGLQEV
GLPLHRGCLLIAEMSSTGSLATGDYTRAAVRMAEEHSEFVVGFISGSRVSMKPEFLHLTPGVQLEAGGDNLGQQYNSPQE
VIGKRGSDIIIVGRGIISAADRLEAAEMYRKAAWEAYLSRLGV
;
_entity_poly.pdbx_strand_id   A,B
#
# COMPACT_ATOMS: atom_id res chain seq x y z
N LYS A 22 9.51 16.34 -31.33
CA LYS A 22 10.70 17.01 -30.72
C LYS A 22 10.45 17.39 -29.26
N GLU A 23 11.49 17.25 -28.44
CA GLU A 23 11.34 17.42 -26.99
C GLU A 23 11.29 18.86 -26.49
N LEU A 24 10.30 19.08 -25.62
CA LEU A 24 10.08 20.34 -24.98
C LEU A 24 10.80 20.43 -23.64
N SER A 25 11.31 21.61 -23.35
CA SER A 25 11.85 21.92 -22.02
C SER A 25 10.79 21.79 -20.91
N PHE A 26 11.27 21.68 -19.68
CA PHE A 26 10.35 21.67 -18.54
C PHE A 26 9.47 22.93 -18.56
N GLY A 27 10.06 24.08 -18.88
CA GLY A 27 9.30 25.34 -18.89
C GLY A 27 8.21 25.38 -19.94
N ALA A 28 8.47 24.80 -21.10
CA ALA A 28 7.46 24.73 -22.14
C ALA A 28 6.41 23.69 -21.78
N ARG A 29 6.82 22.58 -21.19
CA ARG A 29 5.85 21.56 -20.77
C ARG A 29 4.87 22.13 -19.74
N ALA A 30 5.34 23.06 -18.90
CA ALA A 30 4.51 23.74 -17.91
C ALA A 30 3.35 24.50 -18.54
N GLU A 31 3.45 24.80 -19.85
CA GLU A 31 2.45 25.60 -20.56
C GLU A 31 1.55 24.75 -21.43
N LEU A 32 1.74 23.44 -21.46
CA LEU A 32 0.96 22.60 -22.36
C LEU A 32 -0.54 22.72 -22.09
N PRO A 33 -1.38 22.64 -23.17
CA PRO A 33 -2.83 22.80 -22.96
C PRO A 33 -3.43 21.90 -21.88
N ARG A 34 -3.03 20.62 -21.85
CA ARG A 34 -3.63 19.65 -20.94
C ARG A 34 -2.90 19.52 -19.59
N ILE A 35 -1.93 20.40 -19.31
CA ILE A 35 -1.13 20.26 -18.10
C ILE A 35 -2.00 20.42 -16.85
N HIS A 36 -1.75 19.60 -15.84
CA HIS A 36 -2.39 19.78 -14.54
C HIS A 36 -1.73 20.90 -13.77
N PRO A 37 -2.50 21.69 -13.00
CA PRO A 37 -1.90 22.79 -12.28
C PRO A 37 -0.74 22.40 -11.34
N VAL A 38 -0.80 21.22 -10.74
CA VAL A 38 0.28 20.77 -9.86
C VAL A 38 1.53 20.45 -10.68
N ALA A 39 1.34 19.78 -11.82
CA ALA A 39 2.45 19.52 -12.73
C ALA A 39 3.07 20.82 -13.25
N SER A 40 2.23 21.81 -13.58
CA SER A 40 2.74 23.06 -14.11
C SER A 40 3.58 23.78 -13.06
N LYS A 41 3.09 23.83 -11.81
CA LYS A 41 3.84 24.42 -10.72
C LYS A 41 5.21 23.75 -10.53
N LEU A 42 5.20 22.43 -10.53
CA LEU A 42 6.43 21.65 -10.42
C LEU A 42 7.41 21.94 -11.57
N LEU A 43 6.92 21.85 -12.79
CA LEU A 43 7.77 22.10 -13.95
C LEU A 43 8.38 23.50 -13.96
N ARG A 44 7.56 24.50 -13.62
N ARG A 44 7.60 24.51 -13.58
CA ARG A 44 8.05 25.86 -13.48
CA ARG A 44 8.14 25.87 -13.53
C ARG A 44 9.23 25.93 -12.51
C ARG A 44 9.21 26.05 -12.45
N LEU A 45 9.08 25.38 -11.31
CA LEU A 45 10.12 25.52 -10.28
C LEU A 45 11.35 24.67 -10.63
N MET A 46 11.16 23.58 -11.33
CA MET A 46 12.29 22.78 -11.82
C MET A 46 13.14 23.64 -12.76
N GLN A 47 12.46 24.31 -13.69
CA GLN A 47 13.16 25.15 -14.66
C GLN A 47 13.83 26.32 -13.96
N LYS A 48 13.13 26.97 -13.03
CA LYS A 48 13.66 28.14 -12.35
C LYS A 48 14.89 27.79 -11.53
N LYS A 49 14.82 26.68 -10.79
CA LYS A 49 15.88 26.32 -9.85
C LYS A 49 16.96 25.42 -10.45
N GLU A 50 16.76 24.99 -11.68
CA GLU A 50 17.65 24.02 -12.32
C GLU A 50 17.80 22.77 -11.47
N THR A 51 16.67 22.23 -11.03
CA THR A 51 16.70 20.95 -10.35
C THR A 51 15.56 20.03 -10.74
N ASN A 52 15.94 18.79 -10.97
CA ASN A 52 15.01 17.69 -11.20
C ASN A 52 15.31 16.54 -10.23
N LEU A 53 15.74 16.94 -9.04
CA LEU A 53 16.03 16.01 -7.94
C LEU A 53 14.87 16.02 -6.91
N CYS A 54 14.36 14.83 -6.62
CA CYS A 54 13.40 14.64 -5.50
C CYS A 54 14.16 13.93 -4.37
N LEU A 55 14.29 14.59 -3.23
CA LEU A 55 14.92 13.98 -2.05
C LEU A 55 13.93 13.01 -1.43
N SER A 56 14.34 11.75 -1.29
CA SER A 56 13.58 10.79 -0.50
C SER A 56 14.03 10.91 0.95
N ALA A 57 13.26 11.62 1.78
CA ALA A 57 13.69 11.99 3.12
C ALA A 57 13.41 10.85 4.10
N ASP A 58 14.21 9.80 3.96
CA ASP A 58 13.96 8.55 4.65
C ASP A 58 14.66 8.56 6.00
N VAL A 59 13.99 9.17 6.96
CA VAL A 59 14.48 9.36 8.34
C VAL A 59 13.31 9.09 9.27
N SER A 60 13.63 8.83 10.53
CA SER A 60 12.58 8.56 11.52
C SER A 60 12.33 9.70 12.51
N LEU A 61 13.20 10.71 12.51
N LEU A 61 13.16 10.74 12.45
CA LEU A 61 13.07 11.87 13.40
CA LEU A 61 13.10 11.86 13.40
C LEU A 61 12.57 13.09 12.65
C LEU A 61 12.63 13.13 12.71
N ALA A 62 11.53 13.72 13.19
CA ALA A 62 11.02 14.99 12.67
C ALA A 62 12.10 16.05 12.54
N ARG A 63 12.98 16.16 13.54
CA ARG A 63 13.99 17.21 13.54
C ARG A 63 14.94 17.01 12.37
N GLU A 64 15.29 15.75 12.10
CA GLU A 64 16.19 15.48 11.00
C GLU A 64 15.50 15.75 9.67
N LEU A 65 14.24 15.32 9.54
CA LEU A 65 13.44 15.65 8.37
C LEU A 65 13.45 17.15 8.06
N LEU A 66 13.19 17.95 9.08
CA LEU A 66 13.08 19.39 8.87
C LEU A 66 14.44 20.05 8.63
N GLN A 67 15.49 19.58 9.31
CA GLN A 67 16.83 20.09 9.05
C GLN A 67 17.27 19.76 7.62
N LEU A 68 16.97 18.57 7.13
CA LEU A 68 17.26 18.21 5.72
C LEU A 68 16.44 19.06 4.76
N ALA A 69 15.15 19.22 5.02
CA ALA A 69 14.29 20.02 4.16
C ALA A 69 14.78 21.46 4.03
N ASP A 70 15.23 22.05 5.14
CA ASP A 70 15.71 23.42 5.09
C ASP A 70 17.04 23.51 4.33
N ALA A 71 18.00 22.66 4.69
CA ALA A 71 19.34 22.75 4.09
C ALA A 71 19.33 22.37 2.61
N LEU A 72 18.54 21.35 2.22
CA LEU A 72 18.53 20.84 0.85
C LEU A 72 17.44 21.44 -0.01
N GLY A 73 16.54 22.20 0.61
CA GLY A 73 15.41 22.81 -0.10
C GLY A 73 15.80 23.51 -1.40
N PRO A 74 16.88 24.32 -1.40
CA PRO A 74 17.27 24.99 -2.65
C PRO A 74 17.75 24.07 -3.76
N SER A 75 18.15 22.85 -3.40
CA SER A 75 18.69 21.87 -4.34
C SER A 75 17.66 20.93 -4.97
N ILE A 76 16.42 20.96 -4.47
CA ILE A 76 15.43 19.94 -4.80
C ILE A 76 14.16 20.54 -5.41
N CYS A 77 13.52 19.77 -6.28
CA CYS A 77 12.20 20.18 -6.79
C CYS A 77 11.08 19.58 -5.96
N MET A 78 11.41 18.58 -5.13
CA MET A 78 10.40 17.79 -4.43
C MET A 78 11.05 17.11 -3.25
N LEU A 79 10.27 16.94 -2.18
CA LEU A 79 10.69 16.18 -1.01
C LEU A 79 9.62 15.10 -0.83
N LYS A 80 10.08 13.85 -0.88
CA LYS A 80 9.22 12.68 -0.72
C LYS A 80 9.30 12.18 0.70
N THR A 81 8.14 12.03 1.32
CA THR A 81 8.02 11.54 2.68
C THR A 81 7.46 10.12 2.78
N HIS A 82 7.80 9.45 3.88
CA HIS A 82 7.02 8.28 4.37
C HIS A 82 6.61 8.68 5.80
N VAL A 83 5.48 9.37 5.96
N VAL A 83 5.44 9.30 5.88
CA VAL A 83 5.20 9.84 7.30
CA VAL A 83 4.94 9.83 7.13
C VAL A 83 4.90 8.71 8.28
C VAL A 83 4.76 8.77 8.21
N ASP A 84 4.52 7.55 7.77
CA ASP A 84 4.29 6.40 8.65
C ASP A 84 5.56 5.78 9.22
N ILE A 85 6.73 6.33 8.90
CA ILE A 85 7.99 5.90 9.52
C ILE A 85 8.50 6.96 10.50
N LEU A 86 7.88 8.13 10.52
CA LEU A 86 8.27 9.14 11.51
C LEU A 86 7.87 8.74 12.91
N ASN A 87 8.83 8.62 13.82
CA ASN A 87 8.50 8.21 15.18
C ASN A 87 7.72 9.26 15.95
N ASP A 88 7.89 10.51 15.56
CA ASP A 88 7.29 11.65 16.22
C ASP A 88 6.48 12.53 15.29
N PHE A 89 5.78 11.88 14.35
CA PHE A 89 4.82 12.60 13.52
C PHE A 89 3.82 13.40 14.36
N THR A 90 3.59 14.66 13.98
CA THR A 90 2.40 15.39 14.38
C THR A 90 2.01 16.24 13.18
N LEU A 91 0.78 16.75 13.16
CA LEU A 91 0.41 17.65 12.10
C LEU A 91 1.21 18.97 12.13
N ASP A 92 1.69 19.38 13.31
N ASP A 92 1.68 19.36 13.32
CA ASP A 92 2.53 20.58 13.40
CA ASP A 92 2.53 20.54 13.44
C ASP A 92 3.89 20.38 12.73
C ASP A 92 3.83 20.36 12.64
N VAL A 93 4.39 19.15 12.70
CA VAL A 93 5.61 18.86 11.91
C VAL A 93 5.34 19.13 10.44
N MET A 94 4.17 18.72 9.94
N MET A 94 4.17 18.71 9.96
CA MET A 94 3.86 18.92 8.53
CA MET A 94 3.79 18.92 8.57
C MET A 94 3.58 20.40 8.21
C MET A 94 3.65 20.40 8.25
N LYS A 95 3.07 21.16 9.18
CA LYS A 95 2.96 22.61 9.03
C LYS A 95 4.35 23.25 8.84
N GLU A 96 5.33 22.82 9.63
N GLU A 96 5.32 22.81 9.64
CA GLU A 96 6.69 23.33 9.49
CA GLU A 96 6.70 23.29 9.52
C GLU A 96 7.31 22.89 8.16
C GLU A 96 7.30 22.89 8.18
N LEU A 97 7.02 21.67 7.72
CA LEU A 97 7.49 21.22 6.42
C LEU A 97 6.93 22.08 5.28
N ILE A 98 5.64 22.37 5.34
CA ILE A 98 5.00 23.29 4.39
C ILE A 98 5.68 24.67 4.36
N THR A 99 5.98 25.22 5.53
CA THR A 99 6.69 26.50 5.58
C THR A 99 7.98 26.41 4.74
N LEU A 100 8.75 25.34 4.93
CA LEU A 100 10.00 25.16 4.18
C LEU A 100 9.79 24.94 2.69
N ALA A 101 8.77 24.16 2.33
CA ALA A 101 8.43 23.91 0.93
C ALA A 101 8.07 25.22 0.21
N LYS A 102 7.35 26.09 0.90
CA LYS A 102 6.98 27.39 0.37
C LYS A 102 8.19 28.31 0.24
N HIS A 104 11.48 27.52 0.09
CA HIS A 104 12.49 27.06 -0.85
C HIS A 104 11.95 26.68 -2.21
N GLU A 105 10.62 26.59 -2.31
CA GLU A 105 9.93 26.20 -3.54
C GLU A 105 10.20 24.74 -3.95
N PHE A 106 9.56 23.81 -3.22
CA PHE A 106 9.54 22.40 -3.64
C PHE A 106 8.18 21.84 -3.30
N LEU A 107 7.77 20.78 -4.01
CA LEU A 107 6.53 20.10 -3.63
C LEU A 107 6.76 19.00 -2.60
N ILE A 108 5.72 18.74 -1.80
CA ILE A 108 5.73 17.61 -0.87
C ILE A 108 4.97 16.44 -1.46
N PHE A 109 5.63 15.30 -1.53
CA PHE A 109 5.09 14.04 -2.12
C PHE A 109 5.07 13.00 -1.01
N GLU A 110 3.89 12.60 -0.55
CA GLU A 110 3.79 11.50 0.41
C GLU A 110 3.68 10.19 -0.35
N ASP A 111 4.69 9.35 -0.13
CA ASP A 111 4.88 8.11 -0.84
C ASP A 111 4.10 6.98 -0.16
N ARG A 112 2.77 7.12 -0.14
CA ARG A 112 1.89 6.24 0.60
C ARG A 112 1.52 4.98 -0.19
N LYS A 113 1.67 4.99 -1.50
CA LYS A 113 1.36 3.82 -2.33
C LYS A 113 -0.02 3.26 -1.99
N PHE A 114 -1.03 4.13 -2.06
CA PHE A 114 -2.42 3.66 -1.90
C PHE A 114 -2.66 2.49 -2.84
N ALA A 115 -3.36 1.47 -2.32
CA ALA A 115 -3.41 0.22 -3.03
C ALA A 115 -4.58 -0.65 -2.61
N ASP A 116 -5.64 0.02 -2.18
CA ASP A 116 -6.86 -0.64 -1.68
C ASP A 116 -8.01 -0.31 -2.63
N ILE A 117 -9.18 -0.86 -2.32
CA ILE A 117 -10.39 -0.47 -3.01
C ILE A 117 -10.66 1.02 -2.84
N GLY A 118 -11.39 1.56 -3.81
CA GLY A 118 -11.65 3.01 -3.80
C GLY A 118 -12.28 3.58 -2.56
N ASN A 119 -13.25 2.84 -2.00
CA ASN A 119 -13.89 3.32 -0.80
C ASN A 119 -12.95 3.46 0.39
N THR A 120 -11.99 2.54 0.48
CA THR A 120 -11.02 2.56 1.57
C THR A 120 -9.96 3.65 1.38
N VAL A 121 -9.40 3.74 0.17
CA VAL A 121 -8.32 4.72 -0.01
C VAL A 121 -8.79 6.16 0.19
N LYS A 122 -10.05 6.42 -0.11
CA LYS A 122 -10.61 7.76 0.10
C LYS A 122 -10.41 8.18 1.56
N LYS A 123 -10.68 7.26 2.48
CA LYS A 123 -10.55 7.54 3.91
C LYS A 123 -9.10 7.58 4.39
N GLN A 124 -8.27 6.71 3.83
CA GLN A 124 -6.84 6.69 4.17
C GLN A 124 -6.13 7.96 3.72
N TYR A 125 -6.65 8.58 2.65
CA TYR A 125 -6.07 9.81 2.12
C TYR A 125 -6.49 11.03 2.90
N GLU A 126 -7.77 11.11 3.28
CA GLU A 126 -8.28 12.30 3.94
C GLU A 126 -8.15 12.28 5.46
N GLY A 127 -8.29 11.09 6.05
CA GLY A 127 -8.58 10.98 7.47
C GLY A 127 -7.46 10.39 8.29
N GLY A 128 -7.86 9.68 9.34
CA GLY A 128 -6.95 9.11 10.29
C GLY A 128 -6.10 10.17 10.98
N ILE A 129 -4.99 9.73 11.56
N ILE A 129 -4.98 9.73 11.50
CA ILE A 129 -4.08 10.64 12.26
CA ILE A 129 -4.11 10.58 12.27
C ILE A 129 -3.26 11.49 11.28
C ILE A 129 -3.24 11.44 11.31
N PHE A 130 -2.96 10.94 10.12
CA PHE A 130 -2.04 11.65 9.21
C PHE A 130 -2.66 12.77 8.40
N LYS A 131 -3.95 12.67 8.07
CA LYS A 131 -4.64 13.66 7.22
C LYS A 131 -3.77 14.04 6.03
N ILE A 132 -3.33 13.03 5.30
CA ILE A 132 -2.36 13.22 4.22
C ILE A 132 -2.77 14.29 3.21
N ALA A 133 -4.03 14.30 2.79
CA ALA A 133 -4.48 15.25 1.78
C ALA A 133 -4.35 16.71 2.26
N SER A 134 -4.30 16.94 3.56
CA SER A 134 -4.25 18.32 4.08
C SER A 134 -2.88 18.95 3.84
N TRP A 135 -1.82 18.15 3.65
CA TRP A 135 -0.45 18.70 3.50
C TRP A 135 0.34 18.20 2.30
N ALA A 136 -0.06 17.08 1.70
CA ALA A 136 0.71 16.52 0.57
C ALA A 136 0.26 17.09 -0.76
N ASP A 137 1.17 17.71 -1.50
CA ASP A 137 0.82 18.13 -2.86
C ASP A 137 0.54 16.96 -3.77
N LEU A 138 1.38 15.92 -3.63
CA LEU A 138 1.31 14.71 -4.45
C LEU A 138 1.25 13.51 -3.56
N VAL A 139 0.51 12.51 -4.02
CA VAL A 139 0.58 11.14 -3.50
C VAL A 139 0.72 10.19 -4.65
N ASN A 140 0.90 8.91 -4.36
CA ASN A 140 0.95 7.90 -5.41
C ASN A 140 0.06 6.71 -5.08
N ALA A 141 -0.16 5.92 -6.11
CA ALA A 141 -1.04 4.75 -5.99
C ALA A 141 -0.55 3.63 -6.87
N HIS A 142 -0.71 2.42 -6.36
CA HIS A 142 -0.61 1.24 -7.23
C HIS A 142 -1.88 1.04 -8.05
N VAL A 143 -1.75 0.47 -9.24
CA VAL A 143 -2.88 0.32 -10.15
C VAL A 143 -3.54 -1.04 -10.05
N VAL A 144 -2.93 -1.96 -9.32
CA VAL A 144 -3.48 -3.30 -9.13
C VAL A 144 -4.98 -3.41 -8.78
N PRO A 145 -5.55 -2.48 -7.99
CA PRO A 145 -6.98 -2.67 -7.70
C PRO A 145 -7.93 -2.32 -8.84
N GLY A 146 -7.42 -1.77 -9.93
CA GLY A 146 -8.27 -1.20 -10.97
C GLY A 146 -8.53 0.26 -10.68
N SER A 147 -9.23 0.91 -11.60
CA SER A 147 -9.29 2.37 -11.58
C SER A 147 -10.10 2.94 -10.44
N GLY A 148 -10.84 2.10 -9.72
CA GLY A 148 -11.46 2.57 -8.49
C GLY A 148 -10.51 3.18 -7.47
N VAL A 149 -9.25 2.71 -7.45
CA VAL A 149 -8.27 3.32 -6.54
C VAL A 149 -8.09 4.81 -6.84
N VAL A 150 -8.03 5.14 -8.14
CA VAL A 150 -7.89 6.54 -8.56
C VAL A 150 -9.19 7.32 -8.30
N LYS A 151 -10.33 6.72 -8.62
N LYS A 151 -10.33 6.71 -8.63
CA LYS A 151 -11.61 7.38 -8.40
CA LYS A 151 -11.63 7.35 -8.39
C LYS A 151 -11.86 7.67 -6.93
C LYS A 151 -11.79 7.70 -6.93
N GLY A 152 -11.43 6.77 -6.04
CA GLY A 152 -11.59 7.03 -4.61
C GLY A 152 -10.69 8.16 -4.14
N LEU A 153 -9.43 8.15 -4.58
CA LEU A 153 -8.52 9.23 -4.19
C LEU A 153 -8.97 10.59 -4.74
N GLN A 154 -9.44 10.58 -6.00
CA GLN A 154 -9.84 11.83 -6.65
C GLN A 154 -11.03 12.50 -5.93
N GLU A 155 -11.89 11.71 -5.28
N GLU A 155 -11.90 11.69 -5.32
CA GLU A 155 -13.03 12.26 -4.50
CA GLU A 155 -13.00 12.23 -4.53
C GLU A 155 -12.65 13.02 -3.23
C GLU A 155 -12.51 13.24 -3.51
N VAL A 156 -11.37 12.93 -2.87
CA VAL A 156 -10.76 13.79 -1.88
C VAL A 156 -9.80 14.77 -2.57
N GLY A 157 -8.98 14.29 -3.53
CA GLY A 157 -7.88 15.06 -4.09
C GLY A 157 -8.30 16.19 -5.02
N LEU A 158 -9.33 15.96 -5.81
CA LEU A 158 -9.78 17.01 -6.72
C LEU A 158 -10.25 18.26 -5.97
N PRO A 159 -11.17 18.13 -4.98
CA PRO A 159 -11.56 19.34 -4.25
C PRO A 159 -10.41 20.01 -3.51
N LEU A 160 -9.40 19.22 -3.10
CA LEU A 160 -8.23 19.82 -2.43
C LEU A 160 -7.09 20.23 -3.39
N HIS A 161 -7.37 20.24 -4.70
N HIS A 161 -7.36 20.18 -4.70
CA HIS A 161 -6.43 20.72 -5.75
CA HIS A 161 -6.43 20.73 -5.68
C HIS A 161 -5.11 19.93 -5.84
C HIS A 161 -5.09 19.98 -5.63
N ARG A 162 -5.15 18.64 -5.48
CA ARG A 162 -3.95 17.81 -5.37
C ARG A 162 -3.67 17.05 -6.64
N GLY A 163 -2.50 16.40 -6.67
CA GLY A 163 -2.20 15.51 -7.79
C GLY A 163 -1.78 14.11 -7.32
N CYS A 164 -1.81 13.17 -8.25
CA CYS A 164 -1.47 11.79 -7.95
C CYS A 164 -0.53 11.24 -9.02
N LEU A 165 0.36 10.35 -8.61
CA LEU A 165 1.28 9.61 -9.51
C LEU A 165 0.95 8.12 -9.46
N LEU A 166 0.90 7.47 -10.62
CA LEU A 166 0.63 6.03 -10.69
C LEU A 166 1.91 5.25 -10.82
N ILE A 167 1.99 4.16 -10.06
CA ILE A 167 3.20 3.32 -10.07
C ILE A 167 3.13 2.37 -11.28
N ALA A 168 3.86 2.71 -12.34
CA ALA A 168 3.79 1.96 -13.58
C ALA A 168 4.87 0.88 -13.67
N GLU A 169 5.99 1.10 -12.98
CA GLU A 169 7.09 0.15 -12.90
C GLU A 169 7.69 0.25 -11.50
N MET A 170 8.42 -0.79 -11.09
CA MET A 170 9.15 -0.76 -9.82
C MET A 170 10.60 -1.14 -10.04
N SER A 171 11.45 -0.59 -9.19
CA SER A 171 12.90 -0.75 -9.27
C SER A 171 13.43 -2.03 -8.63
N SER A 172 12.58 -2.75 -7.92
CA SER A 172 12.99 -3.87 -7.09
C SER A 172 12.97 -5.21 -7.82
N THR A 173 13.84 -6.09 -7.37
CA THR A 173 13.99 -7.40 -7.99
C THR A 173 12.71 -8.22 -7.91
N GLY A 174 12.26 -8.71 -9.07
CA GLY A 174 11.06 -9.51 -9.13
C GLY A 174 9.80 -8.70 -9.35
N SER A 175 9.94 -7.39 -9.56
CA SER A 175 8.79 -6.54 -9.84
C SER A 175 7.84 -7.16 -10.85
N LEU A 176 6.55 -7.15 -10.53
CA LEU A 176 5.52 -7.60 -11.45
C LEU A 176 4.89 -6.45 -12.25
N ALA A 177 5.42 -5.25 -12.10
CA ALA A 177 4.87 -4.07 -12.76
C ALA A 177 5.58 -3.91 -14.12
N THR A 178 5.23 -4.82 -15.03
CA THR A 178 5.91 -4.95 -16.32
C THR A 178 4.85 -5.26 -17.37
N GLY A 179 5.22 -5.13 -18.64
CA GLY A 179 4.34 -5.57 -19.72
C GLY A 179 2.96 -4.94 -19.70
N ASP A 180 1.92 -5.77 -19.74
CA ASP A 180 0.55 -5.27 -19.79
C ASP A 180 0.15 -4.52 -18.51
N TYR A 181 0.84 -4.80 -17.41
CA TYR A 181 0.57 -4.09 -16.14
C TYR A 181 0.97 -2.62 -16.28
N THR A 182 2.17 -2.39 -16.82
CA THR A 182 2.65 -1.04 -17.09
C THR A 182 1.72 -0.30 -18.05
N ARG A 183 1.31 -0.98 -19.12
CA ARG A 183 0.39 -0.40 -20.09
C ARG A 183 -0.94 -0.01 -19.47
N ALA A 184 -1.45 -0.88 -18.57
CA ALA A 184 -2.68 -0.57 -17.86
C ALA A 184 -2.52 0.66 -16.98
N ALA A 185 -1.35 0.85 -16.36
CA ALA A 185 -1.10 2.05 -15.57
C ALA A 185 -1.14 3.31 -16.44
N VAL A 186 -0.51 3.21 -17.62
CA VAL A 186 -0.50 4.35 -18.54
C VAL A 186 -1.91 4.71 -19.01
N ARG A 187 -2.70 3.70 -19.37
CA ARG A 187 -4.10 3.90 -19.74
C ARG A 187 -4.90 4.56 -18.61
N MET A 188 -4.72 4.06 -17.40
N MET A 188 -4.74 4.05 -17.39
CA MET A 188 -5.42 4.59 -16.23
CA MET A 188 -5.41 4.61 -16.22
C MET A 188 -5.08 6.06 -15.95
C MET A 188 -5.09 6.07 -16.00
N ALA A 189 -3.80 6.41 -16.08
CA ALA A 189 -3.36 7.80 -15.95
C ALA A 189 -3.97 8.72 -17.00
N GLU A 190 -3.88 8.25 -18.25
N GLU A 190 -3.87 8.34 -18.27
CA GLU A 190 -4.28 9.02 -19.43
CA GLU A 190 -4.34 9.26 -19.30
C GLU A 190 -5.81 9.21 -19.47
C GLU A 190 -5.86 9.41 -19.21
N GLU A 191 -6.56 8.38 -18.73
CA GLU A 191 -8.01 8.46 -18.54
C GLU A 191 -8.47 9.20 -17.26
N HIS A 192 -7.53 9.57 -16.40
CA HIS A 192 -7.84 10.32 -15.17
C HIS A 192 -6.91 11.53 -15.06
N SER A 193 -6.75 12.22 -16.19
CA SER A 193 -5.78 13.30 -16.30
C SER A 193 -6.12 14.56 -15.52
N GLU A 194 -7.35 14.65 -15.02
CA GLU A 194 -7.72 15.76 -14.15
C GLU A 194 -7.08 15.68 -12.76
N PHE A 195 -6.55 14.49 -12.43
CA PHE A 195 -5.96 14.21 -11.12
C PHE A 195 -4.58 13.56 -11.20
N VAL A 196 -4.43 12.60 -12.13
CA VAL A 196 -3.15 11.90 -12.29
C VAL A 196 -2.21 12.76 -13.14
N VAL A 197 -1.05 13.10 -12.58
CA VAL A 197 -0.11 14.02 -13.24
C VAL A 197 1.14 13.31 -13.75
N GLY A 198 1.25 12.00 -13.50
CA GLY A 198 2.40 11.27 -14.01
C GLY A 198 2.58 9.93 -13.31
N PHE A 199 3.82 9.44 -13.39
CA PHE A 199 4.19 8.10 -13.02
C PHE A 199 5.38 8.01 -12.11
N ILE A 200 5.36 6.97 -11.28
CA ILE A 200 6.60 6.41 -10.77
C ILE A 200 6.95 5.29 -11.72
N SER A 201 8.11 5.42 -12.35
CA SER A 201 8.56 4.43 -13.33
C SER A 201 10.07 4.43 -13.45
N GLY A 202 10.60 3.42 -14.14
CA GLY A 202 12.05 3.38 -14.41
C GLY A 202 12.46 4.10 -15.68
N SER A 203 11.49 4.33 -16.56
N SER A 203 11.47 4.47 -16.49
CA SER A 203 11.73 4.86 -17.89
CA SER A 203 11.71 5.09 -17.78
C SER A 203 10.49 5.63 -18.29
C SER A 203 10.51 5.94 -18.17
N ARG A 204 10.64 6.47 -19.31
N ARG A 204 10.60 6.58 -19.34
CA ARG A 204 9.50 7.03 -20.02
CA ARG A 204 9.43 7.21 -19.93
C ARG A 204 8.54 5.90 -20.30
C ARG A 204 8.49 6.13 -20.46
N VAL A 205 7.29 6.06 -19.89
CA VAL A 205 6.25 5.05 -20.22
C VAL A 205 5.10 5.63 -21.02
N SER A 206 4.93 6.94 -20.93
CA SER A 206 3.91 7.62 -21.73
C SER A 206 4.56 8.54 -22.73
N MET A 207 3.98 8.61 -23.92
N MET A 207 3.93 8.62 -23.90
CA MET A 207 4.46 9.52 -24.95
CA MET A 207 4.37 9.48 -24.99
C MET A 207 3.69 10.84 -24.97
C MET A 207 3.89 10.92 -24.81
N LYS A 208 2.97 11.14 -23.87
CA LYS A 208 2.29 12.41 -23.74
C LYS A 208 3.12 13.30 -22.80
N PRO A 209 3.61 14.46 -23.29
CA PRO A 209 4.54 15.25 -22.50
C PRO A 209 3.95 15.97 -21.28
N GLU A 210 2.62 15.96 -21.18
N GLU A 210 2.63 15.95 -21.15
CA GLU A 210 1.94 16.50 -20.00
CA GLU A 210 2.00 16.54 -19.99
C GLU A 210 2.23 15.71 -18.73
C GLU A 210 2.07 15.65 -18.74
N PHE A 211 2.61 14.43 -18.89
CA PHE A 211 2.83 13.54 -17.75
C PHE A 211 4.27 13.60 -17.26
N LEU A 212 4.45 13.70 -15.95
N LEU A 212 4.44 13.64 -15.95
CA LEU A 212 5.79 13.61 -15.35
CA LEU A 212 5.74 13.56 -15.33
C LEU A 212 6.19 12.15 -15.16
C LEU A 212 6.18 12.12 -15.16
N HIS A 213 7.48 11.87 -15.33
CA HIS A 213 8.08 10.57 -14.97
C HIS A 213 9.08 10.76 -13.84
N LEU A 214 8.84 10.08 -12.73
CA LEU A 214 9.73 10.15 -11.57
C LEU A 214 10.31 8.77 -11.34
N THR A 215 11.62 8.69 -11.20
CA THR A 215 12.32 7.42 -11.12
C THR A 215 13.12 7.24 -9.82
N PRO A 216 12.71 6.27 -8.99
CA PRO A 216 13.46 5.85 -7.81
C PRO A 216 14.40 4.70 -8.19
N GLY A 217 15.18 4.22 -7.23
CA GLY A 217 16.25 3.26 -7.50
C GLY A 217 17.42 3.90 -8.23
N VAL A 218 17.86 5.01 -7.67
CA VAL A 218 18.91 5.81 -8.30
C VAL A 218 20.07 6.01 -7.35
N GLN A 219 21.29 5.69 -7.81
N GLN A 219 21.28 5.71 -7.86
CA GLN A 219 22.52 6.09 -7.10
CA GLN A 219 22.54 6.00 -7.15
C GLN A 219 23.62 6.26 -8.13
C GLN A 219 23.61 6.30 -8.18
N LEU A 220 24.66 7.02 -7.78
CA LEU A 220 25.76 7.29 -8.73
C LEU A 220 26.52 6.02 -9.09
N GLU A 221 26.75 5.15 -8.10
CA GLU A 221 27.48 3.89 -8.31
C GLU A 221 26.53 2.73 -8.59
N ALA A 222 27.00 1.73 -9.33
CA ALA A 222 26.24 0.51 -9.52
C ALA A 222 26.06 -0.21 -8.20
N GLY A 223 24.94 -0.92 -8.06
CA GLY A 223 24.71 -1.73 -6.87
C GLY A 223 23.24 -1.87 -6.57
N GLY A 224 22.98 -2.19 -5.30
CA GLY A 224 21.63 -2.45 -4.81
C GLY A 224 21.66 -2.50 -3.30
N ASP A 225 20.58 -2.98 -2.69
CA ASP A 225 20.59 -3.21 -1.25
C ASP A 225 20.39 -4.71 -1.00
N ASN A 226 20.23 -5.09 0.26
CA ASN A 226 20.08 -6.50 0.59
C ASN A 226 18.63 -6.96 0.67
N LEU A 227 17.72 -6.09 0.27
CA LEU A 227 16.29 -6.40 0.24
C LEU A 227 15.66 -6.08 -1.10
N GLY A 228 16.40 -6.33 -2.18
CA GLY A 228 15.87 -6.29 -3.53
C GLY A 228 15.87 -4.95 -4.25
N GLN A 229 16.33 -3.87 -3.60
CA GLN A 229 16.48 -2.62 -4.32
C GLN A 229 17.62 -2.73 -5.32
N GLN A 230 17.41 -2.19 -6.51
CA GLN A 230 18.44 -2.13 -7.55
C GLN A 230 18.63 -0.69 -8.00
N TYR A 231 19.88 -0.28 -8.23
CA TYR A 231 20.19 1.09 -8.64
C TYR A 231 20.60 1.25 -10.08
N ASN A 232 20.22 2.39 -10.64
CA ASN A 232 20.74 2.88 -11.93
C ASN A 232 21.17 4.32 -11.73
N SER A 233 22.04 4.81 -12.61
CA SER A 233 22.60 6.14 -12.44
C SER A 233 21.64 7.23 -12.95
N PRO A 234 21.82 8.45 -12.45
CA PRO A 234 21.06 9.56 -13.01
C PRO A 234 21.22 9.71 -14.52
N GLN A 235 22.44 9.55 -15.03
CA GLN A 235 22.64 9.66 -16.48
C GLN A 235 21.83 8.61 -17.24
N GLU A 236 21.84 7.37 -16.74
CA GLU A 236 21.07 6.31 -17.37
C GLU A 236 19.56 6.61 -17.35
N VAL A 237 19.06 7.02 -16.19
CA VAL A 237 17.61 7.14 -16.02
C VAL A 237 17.02 8.36 -16.73
N ILE A 238 17.73 9.48 -16.63
CA ILE A 238 17.26 10.72 -17.23
C ILE A 238 17.64 10.78 -18.70
N GLY A 239 18.86 10.36 -19.04
CA GLY A 239 19.33 10.42 -20.42
C GLY A 239 18.71 9.29 -21.24
N LYS A 240 19.28 8.11 -21.12
N LYS A 240 19.27 8.11 -21.11
CA LYS A 240 18.87 6.98 -21.95
CA LYS A 240 18.90 6.97 -21.93
C LYS A 240 17.41 6.59 -21.78
C LYS A 240 17.44 6.52 -21.76
N ARG A 241 16.94 6.55 -20.53
CA ARG A 241 15.59 6.06 -20.24
C ARG A 241 14.51 7.13 -20.29
N GLY A 242 14.91 8.38 -20.44
CA GLY A 242 13.97 9.45 -20.76
C GLY A 242 13.08 9.92 -19.62
N SER A 243 13.45 9.61 -18.39
N SER A 243 13.46 9.60 -18.38
CA SER A 243 12.63 10.04 -17.25
CA SER A 243 12.69 10.03 -17.21
C SER A 243 12.89 11.52 -16.93
C SER A 243 12.90 11.52 -16.93
N ASP A 244 12.06 12.12 -16.10
CA ASP A 244 12.17 13.56 -15.77
C ASP A 244 12.88 13.90 -14.48
N ILE A 245 12.62 13.09 -13.46
CA ILE A 245 13.02 13.39 -12.09
C ILE A 245 13.62 12.15 -11.47
N ILE A 246 14.72 12.31 -10.74
CA ILE A 246 15.27 11.23 -9.95
C ILE A 246 14.84 11.35 -8.49
N ILE A 247 14.50 10.20 -7.91
CA ILE A 247 14.18 10.11 -6.47
C ILE A 247 15.34 9.38 -5.80
N VAL A 248 15.97 10.05 -4.85
CA VAL A 248 17.18 9.50 -4.23
C VAL A 248 17.01 9.54 -2.71
N GLY A 249 17.17 8.37 -2.08
CA GLY A 249 17.14 8.24 -0.62
C GLY A 249 18.53 8.09 -0.05
N ARG A 250 18.94 6.84 0.18
CA ARG A 250 20.23 6.53 0.84
C ARG A 250 21.46 7.14 0.21
N GLY A 251 21.45 7.29 -1.12
CA GLY A 251 22.56 7.92 -1.83
C GLY A 251 22.87 9.29 -1.27
N ILE A 252 21.85 9.97 -0.77
CA ILE A 252 22.01 11.23 -0.11
C ILE A 252 22.01 11.07 1.41
N ILE A 253 20.98 10.41 1.95
CA ILE A 253 20.75 10.43 3.41
C ILE A 253 21.89 9.79 4.21
N SER A 254 22.52 8.78 3.64
CA SER A 254 23.60 8.07 4.35
C SER A 254 24.96 8.75 4.22
N ALA A 255 25.05 9.72 3.33
CA ALA A 255 26.31 10.46 3.13
C ALA A 255 26.61 11.31 4.34
N ALA A 256 27.89 11.56 4.58
CA ALA A 256 28.23 12.45 5.69
C ALA A 256 27.70 13.86 5.46
N ASP A 257 27.98 14.41 4.28
CA ASP A 257 27.51 15.75 3.92
C ASP A 257 26.33 15.63 2.94
N ARG A 258 25.12 15.71 3.48
CA ARG A 258 23.92 15.51 2.67
C ARG A 258 23.68 16.64 1.67
N LEU A 259 24.17 17.84 1.99
CA LEU A 259 24.02 18.92 1.05
C LEU A 259 24.90 18.72 -0.19
N GLU A 260 26.16 18.38 0.03
CA GLU A 260 27.06 18.06 -1.09
C GLU A 260 26.53 16.89 -1.92
N ALA A 261 26.01 15.86 -1.25
CA ALA A 261 25.46 14.73 -1.98
C ALA A 261 24.27 15.17 -2.85
N ALA A 262 23.36 15.97 -2.27
CA ALA A 262 22.21 16.43 -3.03
C ALA A 262 22.67 17.22 -4.24
N GLU A 263 23.69 18.05 -4.06
CA GLU A 263 24.22 18.83 -5.20
C GLU A 263 24.80 17.94 -6.29
N MET A 264 25.52 16.89 -5.89
N MET A 264 25.51 16.88 -5.89
CA MET A 264 26.04 15.93 -6.86
CA MET A 264 26.04 15.96 -6.89
C MET A 264 24.93 15.30 -7.68
C MET A 264 24.93 15.29 -7.69
N TYR A 265 23.86 14.87 -7.00
CA TYR A 265 22.72 14.27 -7.68
C TYR A 265 21.96 15.28 -8.54
N ARG A 266 21.81 16.49 -8.03
CA ARG A 266 21.15 17.54 -8.82
C ARG A 266 21.89 17.82 -10.12
N LYS A 267 23.21 17.98 -10.03
CA LYS A 267 24.01 18.29 -11.22
C LYS A 267 23.96 17.16 -12.23
N ALA A 268 24.02 15.92 -11.73
CA ALA A 268 23.95 14.78 -12.60
C ALA A 268 22.62 14.73 -13.35
N ALA A 269 21.51 14.82 -12.64
CA ALA A 269 20.20 14.73 -13.28
C ALA A 269 19.92 15.92 -14.20
N TRP A 270 20.35 17.10 -13.78
CA TRP A 270 20.07 18.28 -14.58
C TRP A 270 20.85 18.26 -15.88
N GLU A 271 22.13 17.93 -15.82
N GLU A 271 22.14 17.95 -15.83
CA GLU A 271 22.93 17.91 -17.04
CA GLU A 271 22.94 17.88 -17.07
C GLU A 271 22.49 16.79 -17.99
C GLU A 271 22.45 16.79 -18.01
N ALA A 272 22.03 15.65 -17.46
CA ALA A 272 21.48 14.58 -18.27
C ALA A 272 20.22 15.06 -19.03
N TYR A 273 19.38 15.81 -18.33
CA TYR A 273 18.20 16.41 -18.96
C TYR A 273 18.61 17.39 -20.07
N LEU A 274 19.53 18.30 -19.75
CA LEU A 274 19.97 19.29 -20.75
C LEU A 274 20.52 18.62 -22.00
N SER A 275 21.32 17.57 -21.80
CA SER A 275 21.92 16.87 -22.95
C SER A 275 20.93 16.10 -23.80
N ARG A 276 19.89 15.57 -23.16
CA ARG A 276 18.81 14.89 -23.89
C ARG A 276 18.00 15.91 -24.69
N LEU A 277 17.82 17.10 -24.10
CA LEU A 277 17.06 18.17 -24.74
C LEU A 277 17.79 18.73 -25.96
N GLY A 278 19.12 18.65 -25.96
CA GLY A 278 19.94 19.01 -27.11
C GLY A 278 21.01 20.02 -26.76
N LYS B 22 -8.61 -35.45 -0.75
CA LYS B 22 -9.85 -35.25 0.07
C LYS B 22 -9.67 -34.10 1.08
N GLU B 23 -10.75 -33.35 1.31
CA GLU B 23 -10.69 -32.16 2.16
C GLU B 23 -10.65 -32.42 3.66
N LEU B 24 -9.70 -31.77 4.32
CA LEU B 24 -9.54 -31.77 5.76
C LEU B 24 -10.33 -30.67 6.44
N SER B 25 -10.83 -30.94 7.64
CA SER B 25 -11.46 -29.95 8.49
C SER B 25 -10.45 -28.89 8.93
N PHE B 26 -10.96 -27.76 9.41
CA PHE B 26 -10.09 -26.73 9.95
C PHE B 26 -9.25 -27.31 11.09
N GLY B 27 -9.85 -28.15 11.93
CA GLY B 27 -9.12 -28.74 13.06
C GLY B 27 -7.98 -29.65 12.65
N ALA B 28 -8.20 -30.43 11.60
CA ALA B 28 -7.14 -31.27 11.06
C ALA B 28 -6.07 -30.45 10.35
N ARG B 29 -6.48 -29.40 9.62
CA ARG B 29 -5.50 -28.52 8.98
C ARG B 29 -4.59 -27.85 10.02
N ALA B 30 -5.12 -27.57 11.21
CA ALA B 30 -4.34 -26.98 12.32
C ALA B 30 -3.18 -27.86 12.75
N GLU B 31 -3.24 -29.15 12.40
CA GLU B 31 -2.20 -30.15 12.77
C GLU B 31 -1.21 -30.49 11.65
N LEU B 32 -1.40 -29.92 10.46
CA LEU B 32 -0.57 -30.30 9.34
C LEU B 32 0.92 -30.07 9.63
N PRO B 33 1.81 -30.96 9.12
CA PRO B 33 3.25 -30.84 9.40
C PRO B 33 3.82 -29.45 9.15
N ARG B 34 3.43 -28.82 8.05
CA ARG B 34 4.03 -27.53 7.65
C ARG B 34 3.24 -26.30 8.13
N ILE B 35 2.24 -26.51 8.96
CA ILE B 35 1.41 -25.37 9.40
C ILE B 35 2.21 -24.33 10.18
N HIS B 36 1.94 -23.07 9.90
CA HIS B 36 2.51 -21.98 10.68
C HIS B 36 1.79 -21.85 12.01
N PRO B 37 2.52 -21.53 13.10
CA PRO B 37 1.85 -21.40 14.39
C PRO B 37 0.66 -20.44 14.43
N VAL B 38 0.72 -19.32 13.70
CA VAL B 38 -0.39 -18.38 13.68
C VAL B 38 -1.60 -18.98 12.95
N ALA B 39 -1.34 -19.66 11.84
CA ALA B 39 -2.39 -20.39 11.10
C ALA B 39 -3.03 -21.47 11.97
N SER B 40 -2.21 -22.21 12.73
CA SER B 40 -2.74 -23.27 13.56
C SER B 40 -3.61 -22.70 14.68
N LYS B 41 -3.18 -21.60 15.30
CA LYS B 41 -3.99 -20.95 16.33
C LYS B 41 -5.35 -20.50 15.77
N LEU B 42 -5.30 -19.90 14.59
CA LEU B 42 -6.52 -19.45 13.90
C LEU B 42 -7.44 -20.63 13.57
N LEU B 43 -6.89 -21.66 12.96
CA LEU B 43 -7.70 -22.81 12.58
C LEU B 43 -8.36 -23.50 13.78
N ARG B 44 -7.60 -23.61 14.87
CA ARG B 44 -8.17 -24.18 16.09
C ARG B 44 -9.33 -23.36 16.63
N LEU B 45 -9.21 -22.03 16.66
CA LEU B 45 -10.31 -21.24 17.23
C LEU B 45 -11.51 -21.16 16.29
N MET B 46 -11.26 -21.23 14.99
CA MET B 46 -12.34 -21.34 14.00
C MET B 46 -13.16 -22.61 14.28
N GLN B 47 -12.47 -23.73 14.45
CA GLN B 47 -13.14 -25.00 14.73
C GLN B 47 -13.86 -24.94 16.06
N LYS B 48 -13.22 -24.42 17.10
CA LYS B 48 -13.81 -24.38 18.45
C LYS B 48 -15.08 -23.53 18.45
N LYS B 49 -15.01 -22.37 17.80
CA LYS B 49 -16.09 -21.39 17.90
C LYS B 49 -17.13 -21.51 16.76
N GLU B 50 -16.87 -22.39 15.80
CA GLU B 50 -17.71 -22.53 14.61
C GLU B 50 -17.88 -21.19 13.92
N THR B 51 -16.75 -20.52 13.66
CA THR B 51 -16.78 -19.29 12.89
C THR B 51 -15.61 -19.20 11.92
N ASN B 52 -15.92 -18.85 10.69
CA ASN B 52 -14.94 -18.53 9.64
C ASN B 52 -15.26 -17.11 9.10
N LEU B 53 -15.72 -16.25 10.01
CA LEU B 53 -16.04 -14.86 9.68
C LEU B 53 -14.95 -13.93 10.22
N CYS B 54 -14.41 -13.09 9.34
CA CYS B 54 -13.52 -11.99 9.74
C CYS B 54 -14.31 -10.67 9.62
N LEU B 55 -14.48 -9.98 10.73
CA LEU B 55 -15.16 -8.67 10.72
C LEU B 55 -14.17 -7.64 10.19
N SER B 56 -14.55 -6.92 9.14
CA SER B 56 -13.77 -5.76 8.66
C SER B 56 -14.30 -4.55 9.44
N ALA B 57 -13.60 -4.14 10.49
CA ALA B 57 -14.09 -3.13 11.44
C ALA B 57 -13.82 -1.73 10.91
N ASP B 58 -14.60 -1.37 9.89
CA ASP B 58 -14.32 -0.16 9.14
C ASP B 58 -15.10 1.01 9.75
N VAL B 59 -14.48 1.58 10.77
CA VAL B 59 -15.02 2.69 11.56
C VAL B 59 -13.89 3.67 11.81
N SER B 60 -14.26 4.90 12.13
CA SER B 60 -13.25 5.93 12.39
C SER B 60 -13.04 6.25 13.87
N LEU B 61 -13.93 5.73 14.72
N LEU B 61 -13.89 5.68 14.72
CA LEU B 61 -13.88 5.96 16.16
CA LEU B 61 -13.91 6.00 16.15
C LEU B 61 -13.36 4.76 16.91
C LEU B 61 -13.45 4.82 17.00
N ALA B 62 -12.38 5.00 17.77
CA ALA B 62 -11.87 3.93 18.64
C ALA B 62 -12.95 3.30 19.50
N ARG B 63 -13.85 4.11 20.06
N ARG B 63 -13.85 4.11 20.06
CA ARG B 63 -14.90 3.61 20.94
CA ARG B 63 -14.92 3.60 20.94
C ARG B 63 -15.83 2.65 20.17
C ARG B 63 -15.81 2.64 20.17
N GLU B 64 -16.13 2.97 18.92
CA GLU B 64 -16.97 2.11 18.10
C GLU B 64 -16.24 0.81 17.73
N LEU B 65 -14.96 0.93 17.36
CA LEU B 65 -14.13 -0.24 17.14
C LEU B 65 -14.17 -1.22 18.33
N LEU B 66 -13.97 -0.68 19.52
CA LEU B 66 -13.89 -1.52 20.70
C LEU B 66 -15.25 -2.09 21.09
N GLN B 67 -16.31 -1.28 20.99
CA GLN B 67 -17.65 -1.80 21.23
C GLN B 67 -18.03 -2.92 20.25
N LEU B 68 -17.69 -2.78 18.98
CA LEU B 68 -17.89 -3.85 18.01
C LEU B 68 -17.06 -5.08 18.33
N ALA B 69 -15.79 -4.87 18.68
CA ALA B 69 -14.91 -5.99 19.00
C ALA B 69 -15.42 -6.83 20.17
N ASP B 70 -15.94 -6.16 21.19
CA ASP B 70 -16.45 -6.83 22.37
C ASP B 70 -17.76 -7.57 22.03
N ALA B 71 -18.72 -6.89 21.40
CA ALA B 71 -20.02 -7.50 21.14
C ALA B 71 -19.95 -8.62 20.11
N LEU B 72 -19.12 -8.44 19.07
CA LEU B 72 -19.04 -9.41 17.97
C LEU B 72 -17.92 -10.42 18.15
N GLY B 73 -17.08 -10.21 19.15
CA GLY B 73 -15.93 -11.11 19.40
C GLY B 73 -16.29 -12.60 19.38
N PRO B 74 -17.37 -13.02 20.08
CA PRO B 74 -17.72 -14.44 20.05
C PRO B 74 -18.13 -14.98 18.69
N SER B 75 -18.53 -14.10 17.76
CA SER B 75 -19.02 -14.49 16.45
C SER B 75 -17.94 -14.56 15.38
N ILE B 76 -16.71 -14.11 15.70
CA ILE B 76 -15.68 -13.92 14.66
C ILE B 76 -14.41 -14.72 14.93
N CYS B 77 -13.69 -15.09 13.87
CA CYS B 77 -12.39 -15.70 14.07
C CYS B 77 -11.28 -14.66 13.97
N MET B 78 -11.62 -13.45 13.49
CA MET B 78 -10.62 -12.45 13.14
C MET B 78 -11.30 -11.10 13.08
N LEU B 79 -10.56 -10.05 13.43
CA LEU B 79 -11.02 -8.67 13.31
C LEU B 79 -9.95 -7.99 12.49
N LYS B 80 -10.37 -7.44 11.35
CA LYS B 80 -9.49 -6.75 10.40
C LYS B 80 -9.61 -5.25 10.64
N THR B 81 -8.47 -4.60 10.85
CA THR B 81 -8.39 -3.16 11.06
C THR B 81 -7.81 -2.41 9.87
N HIS B 82 -8.17 -1.13 9.76
CA HIS B 82 -7.38 -0.12 9.04
C HIS B 82 -7.05 0.95 10.07
N VAL B 83 -5.95 0.81 10.82
N VAL B 83 -5.89 0.77 10.72
CA VAL B 83 -5.73 1.80 11.89
CA VAL B 83 -5.44 1.63 11.80
C VAL B 83 -5.42 3.19 11.34
C VAL B 83 -5.31 3.09 11.35
N ASP B 84 -5.00 3.27 10.08
CA ASP B 84 -4.79 4.59 9.48
C ASP B 84 -6.06 5.36 9.15
N ILE B 85 -7.24 4.79 9.43
CA ILE B 85 -8.49 5.50 9.27
C ILE B 85 -9.06 5.86 10.66
N LEU B 86 -8.47 5.36 11.73
CA LEU B 86 -8.94 5.74 13.06
C LEU B 86 -8.57 7.16 13.40
N ASN B 87 -9.57 8.00 13.66
CA ASN B 87 -9.28 9.42 13.97
C ASN B 87 -8.55 9.62 15.29
N ASP B 88 -8.75 8.66 16.20
CA ASP B 88 -8.22 8.74 17.54
C ASP B 88 -7.40 7.51 17.91
N PHE B 89 -6.65 7.01 16.92
CA PHE B 89 -5.66 5.96 17.19
C PHE B 89 -4.72 6.36 18.34
N THR B 90 -4.50 5.42 19.27
CA THR B 90 -3.33 5.46 20.17
C THR B 90 -2.94 4.03 20.39
N LEU B 91 -1.72 3.81 20.87
CA LEU B 91 -1.32 2.44 21.18
C LEU B 91 -2.15 1.85 22.32
N ASP B 92 -2.68 2.70 23.21
CA ASP B 92 -3.56 2.22 24.28
C ASP B 92 -4.85 1.61 23.72
N VAL B 93 -5.36 2.18 22.62
CA VAL B 93 -6.54 1.58 21.96
C VAL B 93 -6.20 0.16 21.52
N MET B 94 -5.00 -0.04 20.98
N MET B 94 -5.00 -0.02 20.98
CA MET B 94 -4.64 -1.37 20.49
CA MET B 94 -4.56 -1.33 20.50
C MET B 94 -4.38 -2.37 21.62
C MET B 94 -4.46 -2.33 21.66
N LYS B 95 -3.92 -1.86 22.78
CA LYS B 95 -3.86 -2.69 23.98
C LYS B 95 -5.25 -3.17 24.41
N GLU B 96 -6.23 -2.27 24.38
CA GLU B 96 -7.60 -2.65 24.70
C GLU B 96 -8.16 -3.66 23.69
N LEU B 97 -7.84 -3.47 22.41
CA LEU B 97 -8.26 -4.41 21.37
C LEU B 97 -7.67 -5.80 21.64
N ILE B 98 -6.39 -5.85 22.00
CA ILE B 98 -5.73 -7.10 22.34
C ILE B 98 -6.42 -7.81 23.51
N THR B 99 -6.79 -7.05 24.55
CA THR B 99 -7.54 -7.62 25.68
C THR B 99 -8.79 -8.36 25.19
N LEU B 100 -9.55 -7.72 24.29
CA LEU B 100 -10.76 -8.31 23.72
C LEU B 100 -10.47 -9.51 22.83
N ALA B 101 -9.42 -9.43 22.00
CA ALA B 101 -9.03 -10.53 21.15
C ALA B 101 -8.66 -11.78 21.96
N LYS B 102 -7.96 -11.56 23.07
CA LYS B 102 -7.62 -12.65 23.99
C LYS B 102 -8.85 -13.21 24.70
N HIS B 104 -12.13 -13.03 23.82
CA HIS B 104 -13.10 -13.66 22.94
C HIS B 104 -12.47 -14.67 21.98
N GLU B 105 -11.14 -14.71 21.90
CA GLU B 105 -10.40 -15.60 21.00
C GLU B 105 -10.62 -15.28 19.51
N PHE B 106 -10.00 -14.20 19.06
CA PHE B 106 -9.90 -13.92 17.63
C PHE B 106 -8.54 -13.29 17.36
N LEU B 107 -8.09 -13.41 16.11
CA LEU B 107 -6.85 -12.74 15.69
C LEU B 107 -7.09 -11.32 15.22
N ILE B 108 -6.07 -10.47 15.37
CA ILE B 108 -6.09 -9.12 14.84
C ILE B 108 -5.29 -9.08 13.54
N PHE B 109 -5.92 -8.59 12.48
CA PHE B 109 -5.33 -8.50 11.15
C PHE B 109 -5.34 -7.04 10.71
N GLU B 110 -4.16 -6.40 10.67
CA GLU B 110 -4.06 -5.04 10.17
C GLU B 110 -3.90 -5.11 8.65
N ASP B 111 -4.90 -4.57 7.98
CA ASP B 111 -5.03 -4.59 6.52
C ASP B 111 -4.25 -3.42 5.90
N ARG B 112 -2.94 -3.45 6.08
CA ARG B 112 -2.05 -2.37 5.64
C ARG B 112 -1.63 -2.47 4.18
N LYS B 113 -1.72 -3.64 3.57
CA LYS B 113 -1.35 -3.81 2.17
C LYS B 113 0.03 -3.22 1.90
N PHE B 114 1.03 -3.68 2.65
CA PHE B 114 2.41 -3.26 2.40
C PHE B 114 2.73 -3.52 0.93
N ALA B 115 3.42 -2.57 0.31
CA ALA B 115 3.55 -2.62 -1.15
C ALA B 115 4.72 -1.80 -1.67
N ASP B 116 5.76 -1.74 -0.84
CA ASP B 116 6.95 -0.96 -1.15
C ASP B 116 8.13 -1.92 -1.26
N ILE B 117 9.30 -1.35 -1.54
CA ILE B 117 10.54 -2.15 -1.50
C ILE B 117 10.76 -2.66 -0.08
N GLY B 118 11.50 -3.77 0.00
CA GLY B 118 11.74 -4.43 1.28
C GLY B 118 12.30 -3.56 2.40
N ASN B 119 13.26 -2.71 2.06
CA ASN B 119 13.87 -1.86 3.08
C ASN B 119 12.87 -0.90 3.76
N THR B 120 11.92 -0.41 2.95
CA THR B 120 10.91 0.53 3.41
C THR B 120 9.82 -0.17 4.24
N VAL B 121 9.33 -1.31 3.74
CA VAL B 121 8.21 -1.94 4.46
C VAL B 121 8.62 -2.42 5.82
N LYS B 122 9.90 -2.77 5.97
CA LYS B 122 10.38 -3.21 7.29
C LYS B 122 10.13 -2.12 8.35
N LYS B 123 10.39 -0.88 7.96
CA LYS B 123 10.21 0.24 8.87
C LYS B 123 8.74 0.61 9.07
N GLN B 124 7.95 0.50 7.99
CA GLN B 124 6.52 0.76 8.06
C GLN B 124 5.80 -0.25 8.94
N TYR B 125 6.36 -1.46 9.04
CA TYR B 125 5.75 -2.52 9.84
C TYR B 125 6.11 -2.40 11.32
N GLU B 126 7.37 -2.07 11.61
CA GLU B 126 7.84 -2.04 12.99
C GLU B 126 7.63 -0.70 13.67
N GLY B 127 7.76 0.37 12.89
CA GLY B 127 8.01 1.69 13.46
C GLY B 127 6.88 2.67 13.29
N GLY B 128 7.27 3.94 13.19
CA GLY B 128 6.31 5.02 13.08
C GLY B 128 5.42 5.12 14.30
N ILE B 129 4.30 5.85 14.15
N ILE B 129 4.28 5.76 14.12
CA ILE B 129 3.31 6.00 15.22
CA ILE B 129 3.37 6.00 15.21
C ILE B 129 2.58 4.70 15.51
C ILE B 129 2.51 4.76 15.48
N PHE B 130 2.31 3.91 14.47
CA PHE B 130 1.41 2.77 14.64
C PHE B 130 2.01 1.55 15.28
N LYS B 131 3.31 1.34 15.08
CA LYS B 131 4.02 0.15 15.58
C LYS B 131 3.19 -1.12 15.33
N ILE B 132 2.83 -1.32 14.06
CA ILE B 132 1.89 -2.36 13.68
C ILE B 132 2.31 -3.74 14.18
N ALA B 133 3.59 -4.09 14.05
CA ALA B 133 4.05 -5.42 14.43
C ALA B 133 3.86 -5.68 15.93
N SER B 134 3.77 -4.64 16.75
CA SER B 134 3.62 -4.83 18.20
C SER B 134 2.26 -5.37 18.59
N TRP B 135 1.22 -5.16 17.78
CA TRP B 135 -0.14 -5.59 18.12
C TRP B 135 -0.86 -6.43 17.07
N ALA B 136 -0.41 -6.44 15.82
CA ALA B 136 -1.14 -7.18 14.77
C ALA B 136 -0.63 -8.62 14.67
N ASP B 137 -1.51 -9.60 14.81
CA ASP B 137 -1.13 -11.00 14.60
C ASP B 137 -0.78 -11.24 13.15
N LEU B 138 -1.60 -10.64 12.27
CA LEU B 138 -1.48 -10.78 10.81
C LEU B 138 -1.41 -9.42 10.18
N VAL B 139 -0.66 -9.35 9.07
CA VAL B 139 -0.70 -8.24 8.13
C VAL B 139 -0.77 -8.82 6.74
N ASN B 140 -0.93 -7.96 5.74
CA ASN B 140 -0.91 -8.41 4.37
C ASN B 140 0.00 -7.57 3.49
N ALA B 141 0.27 -8.07 2.31
CA ALA B 141 1.19 -7.39 1.40
C ALA B 141 0.77 -7.65 -0.02
N HIS B 142 0.92 -6.64 -0.87
CA HIS B 142 0.89 -6.87 -2.31
C HIS B 142 2.19 -7.48 -2.81
N VAL B 143 2.11 -8.25 -3.90
CA VAL B 143 3.28 -8.97 -4.41
C VAL B 143 3.99 -8.21 -5.53
N VAL B 144 3.38 -7.13 -6.02
CA VAL B 144 3.94 -6.35 -7.11
C VAL B 144 5.43 -5.94 -6.98
N PRO B 145 5.93 -5.64 -5.75
CA PRO B 145 7.36 -5.27 -5.71
C PRO B 145 8.34 -6.42 -5.91
N GLY B 146 7.87 -7.68 -5.98
CA GLY B 146 8.74 -8.84 -5.96
C GLY B 146 8.96 -9.26 -4.52
N SER B 147 9.67 -10.37 -4.34
CA SER B 147 9.71 -11.03 -3.03
C SER B 147 10.45 -10.26 -1.95
N GLY B 148 11.18 -9.22 -2.32
CA GLY B 148 11.75 -8.34 -1.29
C GLY B 148 10.73 -7.76 -0.33
N VAL B 149 9.48 -7.55 -0.79
CA VAL B 149 8.46 -7.06 0.13
C VAL B 149 8.24 -8.03 1.30
N VAL B 150 8.24 -9.33 0.98
CA VAL B 150 8.11 -10.37 2.00
C VAL B 150 9.36 -10.48 2.87
N LYS B 151 10.53 -10.45 2.25
N LYS B 151 10.52 -10.44 2.25
CA LYS B 151 11.77 -10.54 3.02
CA LYS B 151 11.79 -10.51 2.97
C LYS B 151 11.93 -9.36 3.98
C LYS B 151 11.92 -9.36 3.96
N GLY B 152 11.55 -8.16 3.54
CA GLY B 152 11.62 -7.01 4.44
C GLY B 152 10.67 -7.15 5.62
N LEU B 153 9.44 -7.56 5.36
CA LEU B 153 8.49 -7.74 6.48
C LEU B 153 8.92 -8.84 7.44
N GLN B 154 9.45 -9.93 6.89
CA GLN B 154 9.79 -11.08 7.71
C GLN B 154 10.95 -10.78 8.65
N GLU B 155 11.82 -9.84 8.25
N GLU B 155 11.80 -9.80 8.27
CA GLU B 155 12.91 -9.42 9.15
CA GLU B 155 12.92 -9.32 9.12
C GLU B 155 12.35 -8.93 10.49
C GLU B 155 12.47 -8.60 10.40
N VAL B 156 11.18 -8.27 10.44
CA VAL B 156 10.51 -7.81 11.63
C VAL B 156 9.56 -8.89 12.16
N GLY B 157 8.78 -9.53 11.26
CA GLY B 157 7.68 -10.39 11.68
C GLY B 157 8.08 -11.74 12.24
N LEU B 158 9.16 -12.32 11.72
N LEU B 158 9.17 -12.32 11.73
CA LEU B 158 9.63 -13.60 12.23
CA LEU B 158 9.60 -13.61 12.24
C LEU B 158 10.04 -13.53 13.70
C LEU B 158 10.04 -13.53 13.70
N PRO B 159 10.93 -12.58 14.07
CA PRO B 159 11.25 -12.51 15.51
C PRO B 159 10.08 -12.17 16.39
N LEU B 160 9.07 -11.48 15.84
CA LEU B 160 7.86 -11.20 16.62
C LEU B 160 6.75 -12.25 16.48
N HIS B 161 7.08 -13.41 15.90
N HIS B 161 7.05 -13.36 15.80
CA HIS B 161 6.17 -14.57 15.77
CA HIS B 161 6.17 -14.52 15.81
C HIS B 161 4.86 -14.25 15.03
C HIS B 161 4.85 -14.22 15.07
N ARG B 162 4.92 -13.39 14.01
CA ARG B 162 3.73 -12.92 13.31
C ARG B 162 3.53 -13.71 12.03
N GLY B 163 2.39 -13.49 11.39
CA GLY B 163 2.18 -14.04 10.05
C GLY B 163 1.76 -12.98 9.03
N CYS B 164 1.84 -13.37 7.77
CA CYS B 164 1.51 -12.46 6.65
C CYS B 164 0.63 -13.16 5.64
N LEU B 165 -0.26 -12.39 5.01
CA LEU B 165 -1.13 -12.86 3.93
C LEU B 165 -0.75 -12.13 2.65
N LEU B 166 -0.65 -12.83 1.53
CA LEU B 166 -0.33 -12.20 0.26
C LEU B 166 -1.58 -11.98 -0.55
N ILE B 167 -1.67 -10.81 -1.17
CA ILE B 167 -2.86 -10.48 -1.96
C ILE B 167 -2.71 -11.05 -3.37
N ALA B 168 -3.41 -12.16 -3.63
CA ALA B 168 -3.28 -12.91 -4.87
C ALA B 168 -4.31 -12.44 -5.90
N GLU B 169 -5.47 -11.99 -5.41
CA GLU B 169 -6.56 -11.52 -6.26
C GLU B 169 -7.20 -10.35 -5.53
N MET B 170 -7.92 -9.53 -6.29
CA MET B 170 -8.71 -8.44 -5.68
C MET B 170 -10.15 -8.49 -6.17
N SER B 171 -11.04 -8.01 -5.32
CA SER B 171 -12.49 -8.05 -5.57
C SER B 171 -13.02 -6.89 -6.42
N SER B 172 -12.17 -5.90 -6.67
CA SER B 172 -12.60 -4.67 -7.29
C SER B 172 -12.52 -4.71 -8.82
N THR B 173 -13.38 -3.90 -9.42
CA THR B 173 -13.46 -3.84 -10.89
C THR B 173 -12.17 -3.34 -11.53
N GLY B 174 -11.67 -4.12 -12.50
CA GLY B 174 -10.43 -3.76 -13.16
C GLY B 174 -9.19 -4.31 -12.48
N SER B 175 -9.37 -5.14 -11.45
CA SER B 175 -8.21 -5.73 -10.79
C SER B 175 -7.19 -6.32 -11.78
N LEU B 176 -5.92 -6.03 -11.55
CA LEU B 176 -4.84 -6.60 -12.36
C LEU B 176 -4.22 -7.84 -11.71
N ALA B 177 -4.79 -8.27 -10.59
CA ALA B 177 -4.25 -9.40 -9.83
C ALA B 177 -4.90 -10.67 -10.35
N THR B 178 -4.51 -11.03 -11.58
CA THR B 178 -5.11 -12.15 -12.32
C THR B 178 -3.99 -12.92 -13.02
N GLY B 179 -4.33 -14.10 -13.54
CA GLY B 179 -3.39 -14.84 -14.38
C GLY B 179 -2.04 -15.07 -13.76
N ASP B 180 -0.98 -14.70 -14.49
CA ASP B 180 0.39 -14.90 -14.01
C ASP B 180 0.68 -14.14 -12.71
N TYR B 181 -0.03 -13.04 -12.45
CA TYR B 181 0.19 -12.25 -11.24
C TYR B 181 -0.24 -13.07 -10.02
N THR B 182 -1.42 -13.68 -10.13
CA THR B 182 -1.92 -14.59 -9.11
C THR B 182 -0.98 -15.77 -8.86
N ARG B 183 -0.50 -16.38 -9.95
CA ARG B 183 0.45 -17.48 -9.84
C ARG B 183 1.74 -17.05 -9.16
N ALA B 184 2.22 -15.84 -9.45
CA ALA B 184 3.41 -15.31 -8.81
C ALA B 184 3.19 -15.13 -7.30
N ALA B 185 1.99 -14.70 -6.90
CA ALA B 185 1.68 -14.58 -5.47
C ALA B 185 1.73 -15.94 -4.79
N VAL B 186 1.17 -16.95 -5.44
CA VAL B 186 1.16 -18.30 -4.85
C VAL B 186 2.59 -18.84 -4.70
N ARG B 187 3.40 -18.68 -5.74
CA ARG B 187 4.80 -19.07 -5.67
C ARG B 187 5.55 -18.36 -4.54
N MET B 188 5.33 -17.05 -4.44
N MET B 188 5.35 -17.04 -4.44
CA MET B 188 5.96 -16.25 -3.39
CA MET B 188 5.96 -16.24 -3.37
C MET B 188 5.59 -16.73 -1.98
C MET B 188 5.59 -16.76 -1.99
N ALA B 189 4.32 -17.06 -1.79
CA ALA B 189 3.84 -17.57 -0.51
C ALA B 189 4.47 -18.93 -0.18
N GLU B 190 4.47 -19.82 -1.17
N GLU B 190 4.45 -19.84 -1.17
CA GLU B 190 4.91 -21.18 -0.96
CA GLU B 190 5.02 -21.18 -1.03
C GLU B 190 6.45 -21.26 -0.76
C GLU B 190 6.44 -21.11 -0.52
N GLU B 191 7.18 -20.21 -1.15
CA GLU B 191 8.62 -20.07 -0.90
C GLU B 191 8.98 -19.25 0.34
N HIS B 192 7.98 -18.70 1.03
CA HIS B 192 8.21 -17.95 2.27
C HIS B 192 7.25 -18.45 3.34
N SER B 193 7.11 -19.78 3.40
CA SER B 193 6.12 -20.43 4.25
C SER B 193 6.39 -20.32 5.75
N GLU B 194 7.59 -19.87 6.09
N GLU B 194 7.60 -19.88 6.10
CA GLU B 194 7.95 -19.59 7.48
CA GLU B 194 7.92 -19.61 7.51
C GLU B 194 7.24 -18.35 8.05
C GLU B 194 7.23 -18.35 8.06
N PHE B 195 6.70 -17.53 7.16
CA PHE B 195 6.08 -16.26 7.52
C PHE B 195 4.71 -16.05 6.84
N VAL B 196 4.62 -16.42 5.57
CA VAL B 196 3.36 -16.29 4.83
C VAL B 196 2.43 -17.45 5.14
N VAL B 197 1.25 -17.14 5.66
CA VAL B 197 0.30 -18.17 6.11
C VAL B 197 -0.91 -18.32 5.20
N GLY B 198 -0.99 -17.51 4.14
CA GLY B 198 -2.14 -17.60 3.27
C GLY B 198 -2.28 -16.39 2.36
N PHE B 199 -3.49 -16.26 1.83
CA PHE B 199 -3.83 -15.31 0.79
C PHE B 199 -5.05 -14.50 1.11
N ILE B 200 -5.06 -13.27 0.59
CA ILE B 200 -6.31 -12.59 0.28
C ILE B 200 -6.62 -12.90 -1.17
N SER B 201 -7.76 -13.55 -1.41
CA SER B 201 -8.10 -14.00 -2.76
C SER B 201 -9.61 -14.15 -2.87
N GLY B 202 -10.09 -14.28 -4.11
CA GLY B 202 -11.52 -14.52 -4.33
C GLY B 202 -11.91 -15.97 -4.29
N SER B 203 -10.92 -16.85 -4.45
N SER B 203 -10.91 -16.85 -4.32
CA SER B 203 -11.10 -18.29 -4.59
CA SER B 203 -11.11 -18.27 -4.44
C SER B 203 -9.87 -18.98 -4.02
C SER B 203 -9.90 -18.97 -3.87
N ARG B 204 -9.97 -20.29 -3.84
CA ARG B 204 -8.81 -21.10 -3.52
C ARG B 204 -7.81 -20.94 -4.65
N VAL B 205 -6.60 -20.48 -4.32
CA VAL B 205 -5.55 -20.31 -5.34
C VAL B 205 -4.38 -21.25 -5.16
N SER B 206 -4.24 -21.78 -3.95
CA SER B 206 -3.21 -22.78 -3.67
C SER B 206 -3.84 -24.11 -3.36
N MET B 207 -3.20 -25.17 -3.84
N MET B 207 -3.16 -25.15 -3.84
CA MET B 207 -3.64 -26.54 -3.57
CA MET B 207 -3.56 -26.54 -3.64
C MET B 207 -2.93 -27.13 -2.35
C MET B 207 -3.14 -27.06 -2.26
N LYS B 208 -2.30 -26.28 -1.55
N LYS B 208 -2.21 -26.36 -1.63
CA LYS B 208 -1.62 -26.72 -0.34
CA LYS B 208 -1.63 -26.79 -0.36
C LYS B 208 -2.47 -26.35 0.86
C LYS B 208 -2.53 -26.37 0.79
N PRO B 209 -3.00 -27.35 1.59
CA PRO B 209 -3.99 -27.06 2.63
C PRO B 209 -3.47 -26.30 3.86
N GLU B 210 -2.15 -26.17 3.95
N GLU B 210 -2.16 -26.16 3.97
CA GLU B 210 -1.52 -25.38 5.01
CA GLU B 210 -1.61 -25.39 5.07
C GLU B 210 -1.83 -23.88 4.92
C GLU B 210 -1.69 -23.86 4.88
N PHE B 211 -2.19 -23.43 3.72
CA PHE B 211 -2.43 -22.00 3.47
C PHE B 211 -3.87 -21.65 3.66
N LEU B 212 -4.10 -20.51 4.30
N LEU B 212 -4.13 -20.54 4.36
CA LEU B 212 -5.43 -19.97 4.44
CA LEU B 212 -5.49 -20.01 4.52
C LEU B 212 -5.81 -19.20 3.18
C LEU B 212 -5.87 -19.10 3.35
N HIS B 213 -7.12 -19.21 2.90
CA HIS B 213 -7.71 -18.29 1.91
C HIS B 213 -8.76 -17.41 2.59
N LEU B 214 -8.56 -16.10 2.55
CA LEU B 214 -9.49 -15.12 3.09
C LEU B 214 -10.05 -14.28 1.96
N THR B 215 -11.37 -14.17 1.90
CA THR B 215 -12.02 -13.51 0.77
C THR B 215 -12.88 -12.33 1.18
N PRO B 216 -12.46 -11.11 0.77
CA PRO B 216 -13.26 -9.88 0.93
C PRO B 216 -14.15 -9.71 -0.31
N GLY B 217 -14.95 -8.64 -0.33
CA GLY B 217 -15.97 -8.49 -1.38
C GLY B 217 -17.14 -9.45 -1.19
N VAL B 218 -17.64 -9.48 0.04
CA VAL B 218 -18.69 -10.44 0.40
C VAL B 218 -19.89 -9.71 0.99
N GLN B 219 -21.08 -10.03 0.45
CA GLN B 219 -22.37 -9.59 1.03
C GLN B 219 -23.41 -10.65 0.73
N LEU B 220 -24.49 -10.67 1.51
CA LEU B 220 -25.54 -11.67 1.26
C LEU B 220 -26.26 -11.41 -0.07
N GLU B 221 -26.51 -10.14 -0.39
CA GLU B 221 -27.19 -9.76 -1.63
C GLU B 221 -26.20 -9.44 -2.76
N ALA B 222 -26.62 -9.65 -4.00
CA ALA B 222 -25.85 -9.20 -5.14
C ALA B 222 -25.68 -7.68 -5.12
N GLY B 223 -24.55 -7.21 -5.63
CA GLY B 223 -24.32 -5.80 -5.85
C GLY B 223 -22.87 -5.41 -5.73
N GLY B 224 -22.67 -4.14 -5.36
CA GLY B 224 -21.34 -3.53 -5.36
C GLY B 224 -21.42 -2.19 -4.68
N ASP B 225 -20.35 -1.40 -4.75
CA ASP B 225 -20.45 -0.01 -4.30
C ASP B 225 -20.20 0.93 -5.48
N ASN B 226 -20.10 2.22 -5.22
CA ASN B 226 -19.92 3.18 -6.29
C ASN B 226 -18.46 3.50 -6.62
N LEU B 227 -17.54 2.75 -6.00
CA LEU B 227 -16.10 2.91 -6.23
C LEU B 227 -15.42 1.59 -6.56
N GLY B 228 -16.11 0.73 -7.30
CA GLY B 228 -15.51 -0.45 -7.88
C GLY B 228 -15.54 -1.73 -7.05
N GLN B 229 -16.09 -1.67 -5.83
CA GLN B 229 -16.20 -2.91 -5.04
C GLN B 229 -17.31 -3.77 -5.65
N GLN B 230 -17.08 -5.08 -5.70
CA GLN B 230 -18.05 -6.05 -6.23
C GLN B 230 -18.24 -7.14 -5.19
N TYR B 231 -19.48 -7.58 -4.99
CA TYR B 231 -19.82 -8.57 -3.97
C TYR B 231 -20.20 -9.92 -4.53
N ASN B 232 -19.81 -10.94 -3.80
CA ASN B 232 -20.31 -12.31 -3.95
C ASN B 232 -20.76 -12.83 -2.60
N SER B 233 -21.61 -13.86 -2.63
CA SER B 233 -22.19 -14.35 -1.39
C SER B 233 -21.24 -15.27 -0.61
N PRO B 234 -21.48 -15.39 0.70
CA PRO B 234 -20.73 -16.40 1.46
C PRO B 234 -20.83 -17.80 0.88
N GLN B 235 -22.03 -18.22 0.43
CA GLN B 235 -22.15 -19.56 -0.16
C GLN B 235 -21.31 -19.69 -1.43
N GLU B 236 -21.30 -18.67 -2.26
CA GLU B 236 -20.49 -18.71 -3.48
C GLU B 236 -18.99 -18.80 -3.15
N VAL B 237 -18.49 -17.96 -2.24
N VAL B 237 -18.55 -17.96 -2.21
CA VAL B 237 -17.03 -17.91 -2.08
CA VAL B 237 -17.14 -17.77 -1.91
C VAL B 237 -16.50 -19.05 -1.22
C VAL B 237 -16.54 -18.98 -1.22
N ILE B 238 -17.25 -19.47 -0.21
CA ILE B 238 -16.80 -20.59 0.62
C ILE B 238 -17.15 -21.91 -0.03
N GLY B 239 -18.32 -22.01 -0.66
CA GLY B 239 -18.74 -23.28 -1.26
C GLY B 239 -18.05 -23.48 -2.60
N LYS B 240 -18.57 -22.81 -3.62
N LYS B 240 -18.58 -22.84 -3.63
CA LYS B 240 -18.12 -23.02 -4.99
CA LYS B 240 -18.09 -23.07 -4.99
C LYS B 240 -16.68 -22.59 -5.28
C LYS B 240 -16.61 -22.73 -5.10
N ARG B 241 -16.23 -21.53 -4.62
CA ARG B 241 -14.89 -21.00 -4.83
C ARG B 241 -13.83 -21.53 -3.86
N GLY B 242 -14.27 -22.25 -2.83
CA GLY B 242 -13.35 -23.02 -1.98
C GLY B 242 -12.52 -22.20 -1.01
N SER B 243 -12.93 -20.98 -0.72
CA SER B 243 -12.20 -20.16 0.25
C SER B 243 -12.48 -20.61 1.68
N ASP B 244 -11.68 -20.13 2.62
CA ASP B 244 -11.84 -20.50 4.04
C ASP B 244 -12.62 -19.53 4.90
N ILE B 245 -12.35 -18.25 4.69
CA ILE B 245 -12.83 -17.22 5.57
C ILE B 245 -13.43 -16.10 4.74
N ILE B 246 -14.56 -15.56 5.18
CA ILE B 246 -15.11 -14.36 4.56
C ILE B 246 -14.74 -13.12 5.38
N ILE B 247 -14.38 -12.05 4.65
CA ILE B 247 -14.13 -10.73 5.26
C ILE B 247 -15.30 -9.81 4.91
N VAL B 248 -15.98 -9.30 5.92
CA VAL B 248 -17.20 -8.53 5.67
C VAL B 248 -17.11 -7.21 6.42
N GLY B 249 -17.24 -6.11 5.66
CA GLY B 249 -17.28 -4.76 6.26
C GLY B 249 -18.70 -4.21 6.33
N ARG B 250 -19.08 -3.42 5.33
CA ARG B 250 -20.39 -2.73 5.32
C ARG B 250 -21.62 -3.61 5.49
N GLY B 251 -21.53 -4.86 5.00
CA GLY B 251 -22.64 -5.81 5.18
C GLY B 251 -23.01 -5.97 6.64
N ILE B 252 -22.02 -5.84 7.51
CA ILE B 252 -22.24 -5.82 8.94
C ILE B 252 -22.29 -4.41 9.49
N ILE B 253 -21.27 -3.60 9.19
CA ILE B 253 -21.10 -2.34 9.90
C ILE B 253 -22.26 -1.35 9.68
N SER B 254 -22.84 -1.38 8.48
CA SER B 254 -23.93 -0.46 8.14
C SER B 254 -25.30 -0.92 8.65
N ALA B 255 -25.37 -2.17 9.13
CA ALA B 255 -26.65 -2.72 9.60
C ALA B 255 -27.03 -2.05 10.91
N ALA B 256 -28.32 -1.99 11.20
CA ALA B 256 -28.72 -1.44 12.50
C ALA B 256 -28.21 -2.30 13.64
N ASP B 257 -28.46 -3.61 13.55
CA ASP B 257 -28.00 -4.55 14.58
C ASP B 257 -26.80 -5.32 14.03
N ARG B 258 -25.62 -4.87 14.41
CA ARG B 258 -24.37 -5.44 13.92
C ARG B 258 -24.12 -6.84 14.47
N LEU B 259 -24.67 -7.15 15.64
CA LEU B 259 -24.49 -8.50 16.17
C LEU B 259 -25.30 -9.51 15.37
N GLU B 260 -26.56 -9.20 15.11
N GLU B 260 -26.57 -9.18 15.13
CA GLU B 260 -27.38 -10.09 14.28
CA GLU B 260 -27.42 -10.00 14.28
C GLU B 260 -26.82 -10.21 12.86
C GLU B 260 -26.79 -10.20 12.90
N ALA B 261 -26.30 -9.12 12.31
CA ALA B 261 -25.70 -9.22 10.98
C ALA B 261 -24.48 -10.15 11.01
N ALA B 262 -23.63 -9.99 12.02
CA ALA B 262 -22.47 -10.85 12.13
C ALA B 262 -22.90 -12.31 12.24
N GLU B 263 -23.95 -12.57 13.01
CA GLU B 263 -24.42 -13.95 13.15
C GLU B 263 -24.94 -14.51 11.83
N MET B 264 -25.63 -13.67 11.05
N MET B 264 -25.62 -13.68 11.03
CA MET B 264 -26.09 -14.09 9.72
CA MET B 264 -26.08 -14.15 9.73
C MET B 264 -24.93 -14.51 8.82
C MET B 264 -24.93 -14.51 8.79
N TYR B 265 -23.89 -13.68 8.78
CA TYR B 265 -22.71 -13.96 7.99
C TYR B 265 -21.96 -15.19 8.53
N ARG B 266 -21.86 -15.29 9.84
CA ARG B 266 -21.19 -16.45 10.44
C ARG B 266 -21.89 -17.75 10.04
N LYS B 267 -23.21 -17.78 10.17
CA LYS B 267 -23.94 -19.01 9.82
C LYS B 267 -23.83 -19.36 8.34
N ALA B 268 -23.86 -18.33 7.50
CA ALA B 268 -23.75 -18.54 6.06
C ALA B 268 -22.39 -19.13 5.73
N ALA B 269 -21.31 -18.53 6.22
CA ALA B 269 -19.98 -19.03 5.90
C ALA B 269 -19.71 -20.39 6.51
N TRP B 270 -20.19 -20.59 7.75
CA TRP B 270 -19.91 -21.84 8.43
C TRP B 270 -20.63 -23.03 7.77
N GLU B 271 -21.90 -22.86 7.43
N GLU B 271 -21.91 -22.85 7.44
N GLU B 271 -21.92 -22.85 7.43
CA GLU B 271 -22.63 -23.97 6.82
CA GLU B 271 -22.65 -23.93 6.79
CA GLU B 271 -22.68 -23.90 6.74
C GLU B 271 -22.15 -24.23 5.38
C GLU B 271 -22.11 -24.24 5.40
C GLU B 271 -22.07 -24.24 5.41
N ALA B 272 -21.64 -23.20 4.69
CA ALA B 272 -21.04 -23.41 3.39
C ALA B 272 -19.78 -24.27 3.49
N TYR B 273 -18.98 -23.98 4.51
CA TYR B 273 -17.79 -24.80 4.79
C TYR B 273 -18.18 -26.26 5.09
N LEU B 274 -19.11 -26.44 6.03
CA LEU B 274 -19.56 -27.80 6.42
C LEU B 274 -20.04 -28.59 5.23
N SER B 275 -20.82 -27.96 4.37
CA SER B 275 -21.37 -28.63 3.19
C SER B 275 -20.32 -29.01 2.16
N ARG B 276 -19.29 -28.17 2.03
CA ARG B 276 -18.17 -28.46 1.14
C ARG B 276 -17.35 -29.64 1.68
N LEU B 277 -17.22 -29.69 3.01
CA LEU B 277 -16.46 -30.73 3.69
C LEU B 277 -17.15 -32.09 3.58
N GLY B 278 -18.47 -32.07 3.53
CA GLY B 278 -19.28 -33.28 3.41
C GLY B 278 -20.04 -33.56 4.68
#